data_8P2W
#
_entry.id   8P2W
#
_cell.length_a   1.00
_cell.length_b   1.00
_cell.length_c   1.00
_cell.angle_alpha   90.00
_cell.angle_beta   90.00
_cell.angle_gamma   90.00
#
_symmetry.space_group_name_H-M   'P 1'
#
loop_
_entity.id
_entity.type
_entity.pdbx_description
1 polymer 'Processed angiotensin-converting enzyme 2'
2 polymer 'Sodium- and chloride-dependent transporter XTRP3'
3 non-polymer 2-acetamido-2-deoxy-beta-D-glucopyranose
#
loop_
_entity_poly.entity_id
_entity_poly.type
_entity_poly.pdbx_seq_one_letter_code
_entity_poly.pdbx_strand_id
1 'polypeptide(L)'
;MSSSSWLLLSLVAVTAADYKDDDDKSTIEEQAKTFLDKFNHEAEDLFYQSSLASWNYNTNITEENVQNMNNAGDKWSAFL
KEQSTLAQMYPLQEIQNLTVKLQLQALQQNGSSVLSEDKSKRLNTILNTMSTIYSTGKVCNPDNPQECLLLEPGLNEIMA
NSLDYNERLWAWESWRSEVGKQLRPLYEEYVVLKNEMARANHYEDYGDYWRGDYEVNGVDGYDYSRGQLIEDVEHTFEEI
KPLYEHLHAYVRAKLMNAYPSYISPIGCLPAHLLGDMWGRFWTNLYSLTVPFGQKPNIDVTDAMVDQAWDAQRIFKEAEK
FFVSVGLPNMTQGFWENSMLTDPGNVQKAVCHPTAWDLGKGDFRILMCTKVTMDDFLTAHHEMGHIQYDMAYAAQPFLLR
NGANEGFHEAVGEIMSLSAATPKHLKSIGLLSPDFQEDNETEINFLLKQALTIVGTLPFTYMLEKWRWMVFKGEIPKDQW
MKKWWEMKREIVGVVEPVPHDETYCDPASLFHVSNDYSFIRYYTRTLYQFQFQEALCQAAKHEGPLHKCDISNSTEAGQK
LFNMLRLGKSEPWTLALENVVGAKNMNVRPLLNYFEPLFTWLKDQNKNSFVGWSTDWSPYADQSIKVRISLKSALGDKAY
EWNDNEMYLFRSSVAYAMRQYFLKVKNQMILFGEEDVRVANLKPRISFNFFVTAPKNVSDIIPRTEVEKAIRMSRSRIND
AFRLNDNSLEFLGIQPTLGPPNQPPVSIWLIVFGVVMGVIVVGIVILIFTGIRDRKKKNKARSGENPYASIDISKGENNP
GFQNTDDVQTSF
;
A
2 'polypeptide(L)'
;MEKARPLWANSLQFVFACISYAVGLGNVWRFPYLCQMYGGGSFLVPYIIMLIVEGMPLLYLELAVGQRMRQGSIGAWRTI
SPYLSGVGVASVVVSFFLSMYYNVINAWAFWYLFHSFQDPLPWSVCPLNGNHTGYDEECEKASSTQYFWYRKTLNISPSL
QENGGVQWEPALCLLLAWLVVYLCILRGTESTGKVVYFTASLPYCVLIIYLIRGLTLHGATNGLMYMFTPKIEQLANPKA
WINAATQIFFSLGLGFGSLIAFASYNEPSNNCQKHAIIVSLINSFTSIFASIVTFSIYGFKATFNYENCLKKVSLLLTNT
FDLEDGFLTASNLEQVKGYLASAYPSKYSEMFPQIKNCSLESELDTAVQGTGLAFIVYTEAIKNMEVSQLWSVLYFFMLL
MLGIGSMLGNTAAILTPLTDSKIISSHLPKEAISGLVCLVNCAIGMVFTMEAGNYWFDIFNDYAATLSLLLIVLVETIAV
CYVYGLRRFESDLKAMTGRAVSWYWKVMWAGVSPLLIVSLFVFYLSDYILTGTLKYQAWDASQGQLVTKDYPAYALAVIG
LLVASSTMCIPLAALGTFVQRRLKRGDADPVAAENLYFQSHHHHHHHHHHGSAWSHPQFEKGGGSGGGSGGSAWSHPQFE
K
;
C
#
loop_
_chem_comp.id
_chem_comp.type
_chem_comp.name
_chem_comp.formula
NAG D-saccharide, beta linking 2-acetamido-2-deoxy-beta-D-glucopyranose 'C8 H15 N O6'
#
# COMPACT_ATOMS: atom_id res chain seq x y z
N SER A 747 11.46 25.51 -14.64
CA SER A 747 11.40 24.23 -13.95
C SER A 747 11.40 24.41 -12.44
N ILE A 748 10.22 24.60 -11.86
CA ILE A 748 10.12 24.76 -10.41
C ILE A 748 10.55 23.49 -9.70
N TRP A 749 10.06 22.34 -10.17
CA TRP A 749 10.32 21.09 -9.48
C TRP A 749 11.80 20.75 -9.47
N LEU A 750 12.51 21.02 -10.57
CA LEU A 750 13.94 20.74 -10.60
C LEU A 750 14.70 21.61 -9.60
N ILE A 751 14.35 22.88 -9.50
CA ILE A 751 15.01 23.77 -8.54
C ILE A 751 14.75 23.27 -7.12
N VAL A 752 13.51 22.94 -6.81
CA VAL A 752 13.20 22.48 -5.45
C VAL A 752 13.90 21.16 -5.15
N PHE A 753 13.95 20.24 -6.10
CA PHE A 753 14.67 18.99 -5.91
C PHE A 753 16.16 19.22 -5.72
N GLY A 754 16.75 20.16 -6.46
CA GLY A 754 18.16 20.46 -6.26
C GLY A 754 18.43 21.02 -4.87
N VAL A 755 17.56 21.92 -4.40
CA VAL A 755 17.72 22.48 -3.07
C VAL A 755 17.61 21.39 -2.01
N VAL A 756 16.59 20.52 -2.14
CA VAL A 756 16.38 19.47 -1.15
C VAL A 756 17.56 18.50 -1.16
N MET A 757 18.05 18.14 -2.35
CA MET A 757 19.20 17.24 -2.44
C MET A 757 20.44 17.87 -1.83
N GLY A 758 20.66 19.17 -2.04
CA GLY A 758 21.79 19.83 -1.41
C GLY A 758 21.69 19.81 0.10
N VAL A 759 20.50 20.10 0.64
CA VAL A 759 20.30 20.08 2.08
C VAL A 759 20.54 18.68 2.63
N ILE A 760 20.03 17.65 1.96
CA ILE A 760 20.22 16.28 2.42
C ILE A 760 21.69 15.90 2.36
N VAL A 761 22.39 16.31 1.30
CA VAL A 761 23.82 16.02 1.19
C VAL A 761 24.59 16.66 2.33
N VAL A 762 24.28 17.92 2.65
CA VAL A 762 24.98 18.60 3.74
C VAL A 762 24.70 17.91 5.07
N GLY A 763 23.44 17.56 5.32
CA GLY A 763 23.11 16.86 6.56
C GLY A 763 23.81 15.52 6.68
N ILE A 764 23.84 14.76 5.59
CA ILE A 764 24.51 13.46 5.62
C ILE A 764 26.01 13.63 5.82
N VAL A 765 26.60 14.65 5.18
CA VAL A 765 28.04 14.90 5.33
C VAL A 765 28.37 15.24 6.76
N ILE A 766 27.58 16.11 7.39
CA ILE A 766 27.89 16.48 8.77
C ILE A 766 27.66 15.31 9.72
N LEU A 767 26.62 14.51 9.47
CA LEU A 767 26.39 13.33 10.32
C LEU A 767 27.52 12.32 10.20
N ILE A 768 27.99 12.08 8.97
CA ILE A 768 29.11 11.16 8.78
C ILE A 768 30.38 11.72 9.39
N PHE A 769 30.58 13.04 9.34
CA PHE A 769 31.73 13.64 10.00
C PHE A 769 31.67 13.41 11.51
N THR A 770 30.50 13.60 12.11
CA THR A 770 30.36 13.31 13.54
C THR A 770 30.60 11.84 13.84
N GLY A 771 30.11 10.95 13.00
CA GLY A 771 30.36 9.53 13.20
C GLY A 771 31.83 9.18 13.11
N ILE A 772 32.54 9.80 12.16
CA ILE A 772 33.98 9.60 12.04
C ILE A 772 34.68 10.13 13.29
N ARG A 773 34.20 11.25 13.82
CA ARG A 773 34.73 11.75 15.09
C ARG A 773 34.51 10.72 16.20
N ASP A 774 33.37 10.02 16.16
CA ASP A 774 33.09 8.95 17.11
C ASP A 774 34.09 7.81 16.94
N ARG A 775 34.72 7.71 15.78
CA ARG A 775 35.70 6.67 15.53
C ARG A 775 37.07 7.10 16.04
N SER B 11 1.40 7.25 30.89
CA SER B 11 0.74 8.46 30.44
C SER B 11 0.24 8.31 29.01
N LEU B 12 -0.20 9.43 28.41
CA LEU B 12 -0.69 9.38 27.04
C LEU B 12 0.42 9.20 26.02
N GLN B 13 1.68 9.39 26.43
CA GLN B 13 2.79 9.21 25.50
C GLN B 13 2.86 7.78 25.00
N PHE B 14 2.60 6.81 25.88
CA PHE B 14 2.60 5.41 25.47
C PHE B 14 1.50 5.14 24.45
N VAL B 15 0.31 5.72 24.66
CA VAL B 15 -0.78 5.52 23.73
C VAL B 15 -0.48 6.16 22.38
N PHE B 16 0.15 7.34 22.38
CA PHE B 16 0.56 7.94 21.12
C PHE B 16 1.64 7.14 20.42
N ALA B 17 2.57 6.54 21.16
CA ALA B 17 3.56 5.66 20.55
C ALA B 17 2.89 4.45 19.91
N CYS B 18 1.89 3.88 20.60
CA CYS B 18 1.14 2.78 20.01
C CYS B 18 0.43 3.21 18.74
N ILE B 19 -0.15 4.42 18.74
CA ILE B 19 -0.81 4.94 17.55
C ILE B 19 0.18 5.07 16.40
N SER B 20 1.37 5.61 16.70
CA SER B 20 2.40 5.76 15.68
C SER B 20 2.80 4.40 15.11
N TYR B 21 2.93 3.40 15.98
CA TYR B 21 3.24 2.06 15.50
C TYR B 21 2.10 1.47 14.68
N ALA B 22 0.86 1.90 14.94
CA ALA B 22 -0.29 1.35 14.22
C ALA B 22 -0.58 2.09 12.92
N VAL B 23 -0.36 3.41 12.89
CA VAL B 23 -0.62 4.20 11.70
C VAL B 23 0.64 4.24 10.85
N GLY B 24 0.56 3.71 9.63
CA GLY B 24 1.69 3.66 8.74
C GLY B 24 1.22 3.82 7.31
N LEU B 25 2.19 3.87 6.40
CA LEU B 25 1.87 4.07 4.99
C LEU B 25 1.06 2.91 4.41
N GLY B 26 1.12 1.74 5.03
CA GLY B 26 0.39 0.59 4.53
C GLY B 26 -1.11 0.79 4.48
N ASN B 27 -1.73 1.02 5.64
CA ASN B 27 -3.18 1.14 5.71
C ASN B 27 -3.71 2.45 5.15
N VAL B 28 -2.83 3.41 4.82
CA VAL B 28 -3.27 4.66 4.24
C VAL B 28 -3.18 4.65 2.71
N TRP B 29 -2.22 3.95 2.13
CA TRP B 29 -2.03 3.92 0.68
C TRP B 29 -2.46 2.60 0.06
N ARG B 30 -2.02 1.47 0.60
CA ARG B 30 -2.32 0.19 -0.03
C ARG B 30 -3.79 -0.17 0.13
N PHE B 31 -4.38 0.13 1.28
CA PHE B 31 -5.74 -0.32 1.55
C PHE B 31 -6.77 0.24 0.58
N PRO B 32 -6.81 1.56 0.30
CA PRO B 32 -7.86 2.04 -0.63
C PRO B 32 -7.78 1.40 -2.01
N TYR B 33 -6.58 1.15 -2.51
CA TYR B 33 -6.46 0.54 -3.83
C TYR B 33 -7.01 -0.89 -3.83
N LEU B 34 -6.71 -1.66 -2.79
CA LEU B 34 -7.28 -3.00 -2.68
C LEU B 34 -8.79 -2.94 -2.54
N CYS B 35 -9.29 -2.01 -1.73
CA CYS B 35 -10.74 -1.92 -1.52
C CYS B 35 -11.46 -1.60 -2.83
N GLN B 36 -10.91 -0.68 -3.62
CA GLN B 36 -11.53 -0.35 -4.90
C GLN B 36 -11.41 -1.51 -5.88
N MET B 37 -10.28 -2.22 -5.86
CA MET B 37 -10.09 -3.31 -6.80
C MET B 37 -11.10 -4.43 -6.58
N TYR B 38 -11.39 -4.75 -5.32
CA TYR B 38 -12.22 -5.92 -5.00
C TYR B 38 -13.64 -5.53 -4.62
N GLY B 39 -14.21 -4.51 -5.27
CA GLY B 39 -15.62 -4.24 -5.14
C GLY B 39 -16.05 -3.44 -3.94
N GLY B 40 -15.13 -2.85 -3.19
CA GLY B 40 -15.51 -2.02 -2.07
C GLY B 40 -15.98 -2.82 -0.86
N GLY B 41 -17.29 -2.82 -0.61
CA GLY B 41 -17.82 -3.52 0.55
C GLY B 41 -17.49 -4.99 0.54
N SER B 42 -17.48 -5.61 -0.65
CA SER B 42 -17.17 -7.03 -0.75
C SER B 42 -15.76 -7.34 -0.26
N PHE B 43 -14.90 -6.34 -0.16
CA PHE B 43 -13.60 -6.49 0.48
C PHE B 43 -13.59 -6.03 1.93
N LEU B 44 -14.43 -5.05 2.27
CA LEU B 44 -14.41 -4.53 3.63
C LEU B 44 -14.95 -5.55 4.62
N VAL B 45 -15.96 -6.32 4.22
CA VAL B 45 -16.53 -7.33 5.12
C VAL B 45 -15.49 -8.39 5.51
N PRO B 46 -14.75 -9.00 4.59
CA PRO B 46 -13.73 -9.97 5.03
C PRO B 46 -12.66 -9.37 5.92
N TYR B 47 -12.25 -8.13 5.65
CA TYR B 47 -11.14 -7.52 6.39
C TYR B 47 -11.43 -7.49 7.88
N ILE B 48 -12.59 -6.95 8.27
CA ILE B 48 -12.99 -6.97 9.67
C ILE B 48 -13.04 -8.40 10.18
N ILE B 49 -13.60 -9.31 9.37
CA ILE B 49 -13.66 -10.71 9.77
C ILE B 49 -12.26 -11.29 9.86
N MET B 50 -11.33 -10.80 9.04
CA MET B 50 -9.94 -11.23 9.11
C MET B 50 -9.15 -10.45 10.17
N LEU B 51 -9.80 -9.53 10.87
CA LEU B 51 -9.18 -8.79 11.96
C LEU B 51 -9.45 -9.43 13.32
N ILE B 52 -10.70 -9.78 13.59
CA ILE B 52 -11.06 -10.39 14.87
C ILE B 52 -10.61 -11.84 14.94
N VAL B 53 -10.10 -12.40 13.84
CA VAL B 53 -9.70 -13.80 13.80
C VAL B 53 -8.20 -13.95 13.60
N GLU B 54 -7.59 -13.09 12.79
CA GLU B 54 -6.15 -13.17 12.53
C GLU B 54 -5.37 -11.97 13.03
N GLY B 55 -6.01 -10.82 13.20
CA GLY B 55 -5.29 -9.65 13.70
C GLY B 55 -4.92 -9.73 15.16
N MET B 56 -5.93 -9.67 16.03
CA MET B 56 -5.67 -9.64 17.48
C MET B 56 -4.99 -10.90 17.99
N PRO B 57 -5.46 -12.12 17.67
CA PRO B 57 -4.78 -13.30 18.21
C PRO B 57 -3.32 -13.40 17.83
N LEU B 58 -2.99 -13.25 16.55
CA LEU B 58 -1.60 -13.38 16.14
C LEU B 58 -0.75 -12.21 16.62
N LEU B 59 -1.33 -11.01 16.68
CA LEU B 59 -0.58 -9.89 17.24
C LEU B 59 -0.22 -10.14 18.70
N TYR B 60 -1.18 -10.63 19.49
CA TYR B 60 -0.89 -10.91 20.89
C TYR B 60 0.09 -12.06 21.02
N LEU B 61 0.00 -13.05 20.13
CA LEU B 61 0.97 -14.14 20.18
C LEU B 61 2.38 -13.65 19.91
N GLU B 62 2.54 -12.80 18.89
CA GLU B 62 3.87 -12.26 18.60
C GLU B 62 4.39 -11.41 19.75
N LEU B 63 3.54 -10.55 20.32
CA LEU B 63 3.98 -9.72 21.43
C LEU B 63 4.36 -10.56 22.65
N ALA B 64 3.57 -11.59 22.94
CA ALA B 64 3.87 -12.45 24.08
C ALA B 64 5.17 -13.22 23.87
N VAL B 65 5.39 -13.71 22.64
CA VAL B 65 6.64 -14.42 22.35
C VAL B 65 7.82 -13.48 22.53
N GLY B 66 7.72 -12.26 22.01
CA GLY B 66 8.80 -11.30 22.18
C GLY B 66 9.05 -10.95 23.63
N GLN B 67 7.98 -10.75 24.40
CA GLN B 67 8.13 -10.40 25.81
C GLN B 67 8.74 -11.53 26.62
N ARG B 68 8.31 -12.77 26.37
CA ARG B 68 8.78 -13.91 27.15
C ARG B 68 10.21 -14.29 26.78
N MET B 69 10.53 -14.27 25.49
CA MET B 69 11.82 -14.79 25.05
C MET B 69 12.97 -13.83 25.36
N ARG B 70 12.72 -12.53 25.45
CA ARG B 70 13.74 -11.53 25.75
C ARG B 70 14.90 -11.62 24.76
N GLN B 71 14.56 -11.78 23.48
CA GLN B 71 15.57 -11.91 22.44
C GLN B 71 15.06 -11.25 21.16
N GLY B 72 15.95 -11.15 20.18
CA GLY B 72 15.57 -10.68 18.86
C GLY B 72 14.81 -11.76 18.11
N SER B 73 14.40 -11.40 16.88
CA SER B 73 13.59 -12.31 16.08
C SER B 73 14.32 -13.62 15.82
N ILE B 74 15.55 -13.53 15.32
CA ILE B 74 16.34 -14.73 15.06
C ILE B 74 16.61 -15.48 16.37
N GLY B 75 16.96 -14.74 17.41
CA GLY B 75 17.20 -15.38 18.70
C GLY B 75 15.95 -16.03 19.26
N ALA B 76 14.81 -15.35 19.14
CA ALA B 76 13.57 -15.91 19.67
C ALA B 76 13.19 -17.19 18.95
N TRP B 77 13.33 -17.20 17.61
CA TRP B 77 12.96 -18.40 16.87
C TRP B 77 14.06 -19.46 16.86
N ARG B 78 15.25 -19.14 17.37
CA ARG B 78 16.26 -20.17 17.58
C ARG B 78 16.15 -20.81 18.95
N THR B 79 15.73 -20.05 19.96
CA THR B 79 15.59 -20.60 21.30
C THR B 79 14.49 -21.65 21.35
N ILE B 80 13.39 -21.43 20.64
CA ILE B 80 12.26 -22.36 20.70
C ILE B 80 12.67 -23.72 20.13
N SER B 81 13.27 -23.72 18.95
CA SER B 81 13.68 -24.98 18.33
C SER B 81 14.86 -24.74 17.38
N PRO B 82 15.85 -25.62 17.37
CA PRO B 82 16.98 -25.43 16.45
C PRO B 82 16.60 -25.55 14.98
N TYR B 83 15.95 -26.65 14.60
CA TYR B 83 15.65 -26.91 13.20
C TYR B 83 14.52 -26.02 12.69
N LEU B 84 14.13 -25.03 13.49
CA LEU B 84 13.18 -24.01 13.07
C LEU B 84 13.81 -22.64 12.97
N SER B 85 15.04 -22.46 13.48
CA SER B 85 15.64 -21.13 13.57
C SER B 85 15.76 -20.45 12.21
N GLY B 86 15.76 -21.22 11.13
CA GLY B 86 15.86 -20.62 9.81
C GLY B 86 14.72 -19.66 9.51
N VAL B 87 13.58 -19.82 10.18
CA VAL B 87 12.47 -18.91 9.96
C VAL B 87 12.88 -17.49 10.31
N GLY B 88 13.77 -17.33 11.30
CA GLY B 88 14.27 -16.01 11.61
C GLY B 88 14.98 -15.36 10.44
N VAL B 89 15.71 -16.15 9.65
CA VAL B 89 16.30 -15.63 8.43
C VAL B 89 15.21 -15.21 7.45
N ALA B 90 14.14 -16.01 7.35
CA ALA B 90 13.05 -15.68 6.43
C ALA B 90 12.42 -14.35 6.78
N SER B 91 12.22 -14.08 8.08
CA SER B 91 11.65 -12.82 8.51
C SER B 91 12.51 -11.64 8.06
N VAL B 92 13.79 -11.88 7.78
CA VAL B 92 14.63 -10.85 7.20
C VAL B 92 14.36 -10.72 5.71
N VAL B 93 14.33 -11.85 5.00
CA VAL B 93 14.31 -11.82 3.53
C VAL B 93 13.11 -11.02 3.04
N VAL B 94 11.91 -11.34 3.56
CA VAL B 94 10.71 -10.61 3.15
C VAL B 94 10.92 -9.12 3.40
N SER B 95 11.39 -8.77 4.59
CA SER B 95 11.66 -7.36 4.89
C SER B 95 12.57 -6.75 3.83
N PHE B 96 13.64 -7.47 3.46
CA PHE B 96 14.52 -6.99 2.41
C PHE B 96 13.74 -6.66 1.15
N PHE B 97 12.90 -7.60 0.71
CA PHE B 97 12.11 -7.36 -0.50
C PHE B 97 11.21 -6.15 -0.32
N LEU B 98 10.64 -5.97 0.86
CA LEU B 98 9.85 -4.78 1.12
C LEU B 98 10.71 -3.53 0.93
N SER B 99 11.88 -3.52 1.55
CA SER B 99 12.78 -2.38 1.39
C SER B 99 13.20 -2.20 -0.06
N MET B 100 13.05 -3.23 -0.88
CA MET B 100 13.36 -3.09 -2.30
C MET B 100 12.41 -2.11 -2.98
N TYR B 101 11.11 -2.19 -2.64
CA TYR B 101 10.12 -1.45 -3.42
C TYR B 101 9.33 -0.43 -2.60
N TYR B 102 9.20 -0.61 -1.30
CA TYR B 102 8.34 0.27 -0.53
C TYR B 102 8.83 1.71 -0.60
N ASN B 103 10.14 1.92 -0.51
CA ASN B 103 10.68 3.28 -0.58
C ASN B 103 10.37 3.94 -1.92
N VAL B 104 10.13 3.14 -2.96
CA VAL B 104 9.74 3.71 -4.25
C VAL B 104 8.51 4.57 -4.08
N ILE B 105 7.58 4.16 -3.21
CA ILE B 105 6.39 4.97 -2.96
C ILE B 105 6.79 6.36 -2.52
N ASN B 106 7.73 6.44 -1.56
CA ASN B 106 8.20 7.74 -1.11
C ASN B 106 8.71 8.58 -2.27
N ALA B 107 9.42 7.93 -3.20
CA ALA B 107 9.89 8.64 -4.39
C ALA B 107 8.75 9.37 -5.08
N TRP B 108 7.66 8.64 -5.37
CA TRP B 108 6.52 9.28 -6.00
C TRP B 108 6.02 10.44 -5.16
N ALA B 109 5.93 10.24 -3.85
CA ALA B 109 5.55 11.34 -2.96
C ALA B 109 6.45 12.54 -3.19
N PHE B 110 7.76 12.33 -3.15
CA PHE B 110 8.70 13.41 -3.42
C PHE B 110 8.35 14.10 -4.72
N TRP B 111 8.16 13.30 -5.78
CA TRP B 111 7.78 13.85 -7.07
C TRP B 111 6.51 14.67 -6.93
N TYR B 112 5.47 14.08 -6.34
CA TYR B 112 4.23 14.80 -6.20
C TYR B 112 4.34 15.98 -5.25
N LEU B 113 5.36 16.01 -4.39
CA LEU B 113 5.60 17.22 -3.62
C LEU B 113 6.23 18.30 -4.47
N PHE B 114 7.25 17.94 -5.26
CA PHE B 114 8.00 18.96 -5.98
C PHE B 114 7.14 19.64 -7.03
N HIS B 115 6.14 18.94 -7.56
CA HIS B 115 5.15 19.56 -8.42
C HIS B 115 3.97 20.07 -7.61
N SER B 116 4.25 20.84 -6.56
CA SER B 116 3.19 21.45 -5.77
C SER B 116 3.48 22.91 -5.46
N PHE B 117 4.46 23.51 -6.14
CA PHE B 117 4.80 24.92 -5.96
C PHE B 117 4.52 25.74 -7.20
N GLN B 118 3.51 25.36 -7.97
CA GLN B 118 3.17 26.01 -9.22
C GLN B 118 1.73 26.49 -9.19
N ASP B 119 1.50 27.71 -9.68
CA ASP B 119 0.12 28.20 -9.78
C ASP B 119 -0.71 27.35 -10.73
N PRO B 120 -0.27 27.03 -11.95
CA PRO B 120 -1.03 26.06 -12.76
C PRO B 120 -0.56 24.64 -12.46
N LEU B 121 -1.24 24.00 -11.51
CA LEU B 121 -0.84 22.69 -11.06
C LEU B 121 -0.77 21.71 -12.24
N PRO B 122 0.28 20.89 -12.32
CA PRO B 122 0.46 20.06 -13.52
C PRO B 122 -0.69 19.10 -13.77
N TRP B 123 -1.43 18.72 -12.73
CA TRP B 123 -2.60 17.87 -12.89
C TRP B 123 -3.90 18.66 -12.83
N SER B 124 -3.84 19.97 -13.00
CA SER B 124 -5.03 20.81 -13.00
C SER B 124 -5.49 21.18 -14.41
N VAL B 125 -4.55 21.48 -15.31
CA VAL B 125 -4.86 21.89 -16.66
C VAL B 125 -4.21 20.92 -17.64
N CYS B 126 -4.99 20.40 -18.57
CA CYS B 126 -4.45 19.50 -19.58
C CYS B 126 -3.60 20.27 -20.59
N PRO B 127 -2.49 19.69 -21.01
CA PRO B 127 -1.67 20.34 -22.05
C PRO B 127 -2.38 20.34 -23.40
N LEU B 128 -2.03 21.34 -24.21
CA LEU B 128 -2.67 21.52 -25.51
C LEU B 128 -2.05 20.57 -26.54
N ASN B 129 -2.83 20.30 -27.59
CA ASN B 129 -2.38 19.35 -28.62
C ASN B 129 -1.19 19.87 -29.40
N GLY B 130 -1.09 21.18 -29.59
CA GLY B 130 -0.03 21.76 -30.39
C GLY B 130 -0.54 22.90 -31.25
N ASN B 131 -1.81 22.82 -31.64
CA ASN B 131 -2.46 23.92 -32.33
C ASN B 131 -2.87 25.04 -31.37
N HIS B 132 -2.76 24.81 -30.06
CA HIS B 132 -3.26 25.74 -29.04
C HIS B 132 -4.75 26.01 -29.20
N THR B 133 -5.49 24.99 -29.64
CA THR B 133 -6.93 25.11 -29.82
C THR B 133 -7.73 24.05 -29.08
N GLY B 134 -7.12 22.93 -28.70
CA GLY B 134 -7.83 21.87 -28.00
C GLY B 134 -7.02 21.22 -26.91
N TYR B 135 -7.32 19.96 -26.59
CA TYR B 135 -6.64 19.22 -25.55
C TYR B 135 -6.07 17.93 -26.12
N ASP B 136 -5.08 17.39 -25.41
CA ASP B 136 -4.48 16.12 -25.82
C ASP B 136 -5.54 15.02 -25.81
N GLU B 137 -5.46 14.12 -26.80
CA GLU B 137 -6.43 13.05 -26.89
C GLU B 137 -6.40 12.17 -25.65
N GLU B 138 -5.21 11.83 -25.17
CA GLU B 138 -5.10 11.08 -23.93
C GLU B 138 -5.60 11.90 -22.75
N CYS B 139 -5.26 13.19 -22.71
CA CYS B 139 -5.71 14.04 -21.61
C CYS B 139 -7.19 14.39 -21.72
N GLU B 140 -7.81 14.17 -22.88
CA GLU B 140 -9.24 14.39 -23.00
C GLU B 140 -10.03 13.15 -22.65
N LYS B 141 -9.58 11.98 -23.13
CA LYS B 141 -10.26 10.73 -22.78
C LYS B 141 -10.12 10.42 -21.29
N ALA B 142 -8.91 10.59 -20.76
CA ALA B 142 -8.66 10.37 -19.34
C ALA B 142 -8.67 11.71 -18.61
N SER B 143 -8.81 11.64 -17.29
CA SER B 143 -8.80 12.86 -16.49
C SER B 143 -7.43 13.50 -16.53
N SER B 144 -7.37 14.77 -16.10
CA SER B 144 -6.09 15.45 -16.02
C SER B 144 -5.15 14.76 -15.04
N THR B 145 -5.69 14.36 -13.87
CA THR B 145 -4.88 13.68 -12.88
C THR B 145 -4.36 12.34 -13.40
N GLN B 146 -5.23 11.57 -14.06
CA GLN B 146 -4.80 10.29 -14.60
C GLN B 146 -3.75 10.47 -15.70
N TYR B 147 -3.92 11.49 -16.55
CA TYR B 147 -2.92 11.75 -17.56
C TYR B 147 -1.59 12.13 -16.93
N PHE B 148 -1.61 12.95 -15.89
CA PHE B 148 -0.36 13.31 -15.21
C PHE B 148 0.29 12.10 -14.55
N TRP B 149 -0.51 11.22 -13.96
CA TRP B 149 0.06 10.07 -13.26
C TRP B 149 0.64 9.04 -14.23
N TYR B 150 -0.13 8.68 -15.26
CA TYR B 150 0.30 7.59 -16.12
C TYR B 150 1.24 8.02 -17.24
N ARG B 151 1.36 9.31 -17.52
CA ARG B 151 2.21 9.74 -18.63
C ARG B 151 3.32 10.68 -18.19
N LYS B 152 3.01 11.69 -17.38
CA LYS B 152 4.03 12.66 -16.98
C LYS B 152 4.74 12.28 -15.69
N THR B 153 4.33 11.21 -15.01
CA THR B 153 5.01 10.76 -13.81
C THR B 153 5.65 9.39 -13.99
N LEU B 154 4.89 8.40 -14.42
CA LEU B 154 5.46 7.07 -14.65
C LEU B 154 5.93 6.88 -16.08
N ASN B 155 5.37 7.61 -17.03
CA ASN B 155 5.67 7.44 -18.45
C ASN B 155 5.50 5.99 -18.86
N ILE B 156 4.39 5.40 -18.40
CA ILE B 156 4.19 3.96 -18.51
C ILE B 156 4.02 3.56 -19.97
N SER B 157 4.51 2.38 -20.29
CA SER B 157 4.36 1.77 -21.60
C SER B 157 3.11 0.90 -21.62
N PRO B 158 2.44 0.80 -22.78
CA PRO B 158 1.17 0.07 -22.82
C PRO B 158 1.26 -1.38 -22.41
N SER B 159 2.38 -2.06 -22.65
CA SER B 159 2.52 -3.47 -22.32
C SER B 159 3.83 -3.72 -21.60
N LEU B 160 3.84 -4.73 -20.74
CA LEU B 160 5.03 -5.07 -19.96
C LEU B 160 6.16 -5.54 -20.86
N GLN B 161 5.85 -6.08 -22.04
CA GLN B 161 6.88 -6.62 -22.91
C GLN B 161 7.86 -5.54 -23.36
N GLU B 162 7.35 -4.34 -23.66
CA GLU B 162 8.19 -3.24 -24.11
C GLU B 162 8.51 -2.34 -22.93
N ASN B 163 9.78 -2.32 -22.52
CA ASN B 163 10.28 -1.44 -21.48
C ASN B 163 11.48 -0.66 -21.99
N GLY B 164 11.52 0.62 -21.68
CA GLY B 164 12.60 1.49 -22.10
C GLY B 164 13.72 1.56 -21.08
N GLY B 165 14.52 2.62 -21.19
CA GLY B 165 15.62 2.84 -20.28
C GLY B 165 15.14 3.40 -18.94
N VAL B 166 16.10 3.53 -18.03
CA VAL B 166 15.81 4.00 -16.69
C VAL B 166 15.55 5.51 -16.74
N GLN B 167 14.30 5.90 -16.52
CA GLN B 167 13.95 7.31 -16.52
C GLN B 167 14.75 8.06 -15.46
N TRP B 168 15.32 9.19 -15.84
CA TRP B 168 16.25 9.88 -14.95
C TRP B 168 15.55 10.61 -13.82
N GLU B 169 14.36 11.17 -14.07
CA GLU B 169 13.68 11.93 -13.02
C GLU B 169 13.14 11.03 -11.92
N PRO B 170 12.38 9.97 -12.19
CA PRO B 170 12.01 9.07 -11.09
C PRO B 170 13.20 8.42 -10.40
N ALA B 171 14.27 8.14 -11.14
CA ALA B 171 15.48 7.60 -10.51
C ALA B 171 16.08 8.61 -9.54
N LEU B 172 16.13 9.89 -9.93
CA LEU B 172 16.63 10.91 -9.02
C LEU B 172 15.74 11.05 -7.79
N CYS B 173 14.42 10.99 -7.98
CA CYS B 173 13.53 11.05 -6.83
C CYS B 173 13.73 9.86 -5.89
N LEU B 174 13.91 8.66 -6.45
CA LEU B 174 14.16 7.49 -5.62
C LEU B 174 15.49 7.61 -4.88
N LEU B 175 16.52 8.12 -5.55
CA LEU B 175 17.80 8.33 -4.89
C LEU B 175 17.67 9.34 -3.75
N LEU B 176 16.89 10.40 -3.96
CA LEU B 176 16.66 11.35 -2.88
C LEU B 176 15.93 10.69 -1.72
N ALA B 177 14.94 9.84 -2.01
CA ALA B 177 14.23 9.14 -0.94
C ALA B 177 15.18 8.26 -0.14
N TRP B 178 16.06 7.53 -0.83
CA TRP B 178 17.00 6.68 -0.11
C TRP B 178 17.99 7.49 0.72
N LEU B 179 18.44 8.63 0.19
CA LEU B 179 19.32 9.48 0.98
C LEU B 179 18.62 10.00 2.23
N VAL B 180 17.34 10.37 2.11
CA VAL B 180 16.59 10.83 3.27
C VAL B 180 16.45 9.70 4.29
N VAL B 181 16.18 8.48 3.82
CA VAL B 181 16.06 7.35 4.74
C VAL B 181 17.39 7.11 5.46
N TYR B 182 18.49 7.19 4.73
CA TYR B 182 19.80 6.98 5.34
C TYR B 182 20.11 8.06 6.36
N LEU B 183 19.77 9.31 6.05
CA LEU B 183 19.96 10.39 7.01
C LEU B 183 19.14 10.18 8.26
N CYS B 184 17.89 9.73 8.10
CA CYS B 184 17.05 9.44 9.27
C CYS B 184 17.61 8.28 10.08
N ILE B 185 18.19 7.28 9.42
CA ILE B 185 18.81 6.17 10.15
C ILE B 185 19.98 6.67 10.97
N LEU B 186 20.86 7.45 10.36
CA LEU B 186 22.03 7.94 11.09
C LEU B 186 21.64 8.88 12.22
N ARG B 187 20.69 9.78 11.98
CA ARG B 187 20.39 10.82 12.96
C ARG B 187 19.62 10.26 14.16
N GLY B 188 18.44 9.71 13.90
CA GLY B 188 17.50 9.39 14.96
C GLY B 188 17.73 8.00 15.52
N THR B 189 17.81 7.93 16.85
CA THR B 189 17.82 6.67 17.57
C THR B 189 16.95 6.67 18.82
N GLU B 190 16.83 7.80 19.52
CA GLU B 190 16.03 7.89 20.73
C GLU B 190 15.20 9.17 20.84
N SER B 191 15.36 10.11 19.92
CA SER B 191 14.61 11.36 19.97
C SER B 191 13.14 11.20 19.60
N THR B 192 12.74 10.00 19.13
CA THR B 192 11.39 9.80 18.63
C THR B 192 10.35 10.12 19.69
N GLY B 193 10.72 10.05 20.98
CA GLY B 193 9.79 10.39 22.03
C GLY B 193 9.21 11.80 21.88
N LYS B 194 10.03 12.75 21.45
CA LYS B 194 9.51 14.06 21.12
C LYS B 194 8.74 14.03 19.80
N VAL B 195 9.29 13.33 18.80
CA VAL B 195 8.67 13.31 17.48
C VAL B 195 7.28 12.68 17.54
N VAL B 196 7.09 11.72 18.44
CA VAL B 196 5.79 11.07 18.60
C VAL B 196 4.70 12.07 18.96
N TYR B 197 5.07 13.19 19.60
CA TYR B 197 4.06 14.18 19.96
C TYR B 197 3.49 14.86 18.73
N PHE B 198 4.21 14.81 17.61
CA PHE B 198 3.79 15.45 16.37
C PHE B 198 3.68 14.49 15.20
N THR B 199 4.52 13.47 15.14
CA THR B 199 4.50 12.51 14.05
C THR B 199 3.45 11.43 14.21
N ALA B 200 2.44 11.61 15.06
CA ALA B 200 1.39 10.62 15.25
C ALA B 200 -0.01 11.16 15.06
N SER B 201 -0.24 12.45 15.29
CA SER B 201 -1.56 13.04 15.18
C SER B 201 -1.79 13.83 13.90
N LEU B 202 -0.72 14.18 13.18
CA LEU B 202 -0.89 14.90 11.91
C LEU B 202 -1.69 14.12 10.87
N PRO B 203 -1.44 12.82 10.63
CA PRO B 203 -2.26 12.12 9.63
C PRO B 203 -3.75 12.17 9.93
N TYR B 204 -4.13 12.10 11.20
CA TYR B 204 -5.54 12.18 11.54
C TYR B 204 -6.11 13.55 11.21
N CYS B 205 -5.35 14.62 11.49
CA CYS B 205 -5.83 15.96 11.13
C CYS B 205 -5.96 16.10 9.62
N VAL B 206 -5.00 15.57 8.87
CA VAL B 206 -5.07 15.67 7.41
C VAL B 206 -6.28 14.92 6.88
N LEU B 207 -6.52 13.71 7.39
CA LEU B 207 -7.68 12.94 6.94
C LEU B 207 -8.98 13.60 7.37
N ILE B 208 -9.00 14.26 8.53
CA ILE B 208 -10.19 15.01 8.93
C ILE B 208 -10.46 16.13 7.93
N ILE B 209 -9.42 16.87 7.55
CA ILE B 209 -9.57 17.97 6.60
C ILE B 209 -10.08 17.43 5.27
N TYR B 210 -9.51 16.32 4.80
CA TYR B 210 -9.93 15.79 3.51
C TYR B 210 -11.33 15.18 3.56
N LEU B 211 -11.75 14.62 4.70
CA LEU B 211 -13.14 14.20 4.84
C LEU B 211 -14.08 15.40 4.80
N ILE B 212 -13.69 16.49 5.46
CA ILE B 212 -14.47 17.72 5.41
C ILE B 212 -14.65 18.18 3.97
N ARG B 213 -13.56 18.21 3.20
CA ARG B 213 -13.67 18.62 1.80
C ARG B 213 -14.48 17.64 0.98
N GLY B 214 -14.29 16.33 1.19
CA GLY B 214 -14.98 15.35 0.38
C GLY B 214 -16.48 15.34 0.59
N LEU B 215 -16.92 15.47 1.83
CA LEU B 215 -18.35 15.48 2.11
C LEU B 215 -19.03 16.76 1.65
N THR B 216 -18.27 17.78 1.25
CA THR B 216 -18.84 18.99 0.68
C THR B 216 -18.92 18.94 -0.84
N LEU B 217 -18.45 17.87 -1.47
CA LEU B 217 -18.47 17.76 -2.92
C LEU B 217 -19.78 17.17 -3.40
N HIS B 218 -20.19 17.59 -4.60
CA HIS B 218 -21.41 17.06 -5.19
C HIS B 218 -21.24 15.60 -5.55
N GLY B 219 -22.25 14.79 -5.25
CA GLY B 219 -22.22 13.38 -5.56
C GLY B 219 -21.13 12.62 -4.85
N ALA B 220 -20.93 12.91 -3.56
CA ALA B 220 -19.92 12.22 -2.77
C ALA B 220 -20.46 11.02 -2.03
N THR B 221 -21.72 11.07 -1.60
CA THR B 221 -22.30 9.96 -0.85
C THR B 221 -22.43 8.70 -1.71
N ASN B 222 -22.43 8.84 -3.03
CA ASN B 222 -22.47 7.66 -3.89
C ASN B 222 -21.25 6.78 -3.66
N GLY B 223 -20.08 7.39 -3.50
CA GLY B 223 -18.88 6.61 -3.22
C GLY B 223 -18.96 5.87 -1.91
N LEU B 224 -19.47 6.52 -0.86
CA LEU B 224 -19.61 5.84 0.42
C LEU B 224 -20.62 4.70 0.34
N MET B 225 -21.73 4.92 -0.36
CA MET B 225 -22.72 3.85 -0.52
C MET B 225 -22.13 2.68 -1.29
N TYR B 226 -21.30 2.96 -2.29
CA TYR B 226 -20.62 1.89 -3.01
C TYR B 226 -19.62 1.16 -2.11
N MET B 227 -18.88 1.91 -1.29
CA MET B 227 -17.83 1.30 -0.47
C MET B 227 -18.42 0.45 0.65
N PHE B 228 -19.60 0.81 1.15
CA PHE B 228 -20.23 0.05 2.22
C PHE B 228 -21.23 -1.00 1.73
N THR B 229 -21.40 -1.13 0.43
CA THR B 229 -22.32 -2.14 -0.10
C THR B 229 -21.60 -3.47 -0.28
N PRO B 230 -21.97 -4.52 0.45
CA PRO B 230 -21.33 -5.84 0.31
C PRO B 230 -22.01 -6.74 -0.74
N LYS B 231 -21.66 -6.51 -2.00
CA LYS B 231 -22.23 -7.28 -3.09
C LYS B 231 -21.86 -8.75 -2.97
N ILE B 232 -22.88 -9.60 -2.84
CA ILE B 232 -22.65 -11.02 -2.62
C ILE B 232 -22.05 -11.68 -3.87
N GLU B 233 -22.25 -11.07 -5.03
CA GLU B 233 -21.74 -11.66 -6.27
C GLU B 233 -20.23 -11.76 -6.25
N GLN B 234 -19.55 -10.71 -5.79
CA GLN B 234 -18.09 -10.70 -5.70
C GLN B 234 -17.58 -11.02 -4.31
N LEU B 235 -18.47 -11.33 -3.36
CA LEU B 235 -18.03 -11.66 -2.01
C LEU B 235 -17.32 -13.02 -1.97
N ALA B 236 -17.70 -13.95 -2.84
CA ALA B 236 -17.14 -15.28 -2.83
C ALA B 236 -15.80 -15.38 -3.56
N ASN B 237 -15.24 -14.27 -3.99
CA ASN B 237 -13.95 -14.31 -4.69
C ASN B 237 -12.83 -14.60 -3.70
N PRO B 238 -12.09 -15.70 -3.84
CA PRO B 238 -11.02 -15.99 -2.88
C PRO B 238 -9.90 -14.95 -2.89
N LYS B 239 -9.69 -14.29 -4.02
CA LYS B 239 -8.64 -13.27 -4.10
C LYS B 239 -8.89 -12.17 -3.08
N ALA B 240 -10.16 -11.81 -2.86
CA ALA B 240 -10.47 -10.79 -1.86
C ALA B 240 -10.04 -11.24 -0.47
N TRP B 241 -10.32 -12.49 -0.11
CA TRP B 241 -9.94 -12.98 1.21
C TRP B 241 -8.43 -13.02 1.36
N ILE B 242 -7.72 -13.52 0.34
CA ILE B 242 -6.27 -13.61 0.42
C ILE B 242 -5.64 -12.23 0.54
N ASN B 243 -6.13 -11.27 -0.26
CA ASN B 243 -5.61 -9.92 -0.19
C ASN B 243 -5.93 -9.27 1.16
N ALA B 244 -7.11 -9.52 1.72
CA ALA B 244 -7.42 -8.97 3.04
C ALA B 244 -6.48 -9.52 4.09
N ALA B 245 -6.22 -10.83 4.04
CA ALA B 245 -5.32 -11.44 5.02
C ALA B 245 -3.90 -10.89 4.90
N THR B 246 -3.37 -10.84 3.66
CA THR B 246 -2.00 -10.34 3.51
C THR B 246 -1.92 -8.86 3.84
N GLN B 247 -2.97 -8.10 3.57
CA GLN B 247 -2.96 -6.68 3.89
C GLN B 247 -2.98 -6.45 5.39
N ILE B 248 -3.81 -7.19 6.12
CA ILE B 248 -3.84 -7.00 7.57
C ILE B 248 -2.53 -7.44 8.19
N PHE B 249 -1.93 -8.51 7.65
CA PHE B 249 -0.64 -8.96 8.17
C PHE B 249 0.45 -7.93 7.88
N PHE B 250 0.42 -7.32 6.70
CA PHE B 250 1.41 -6.31 6.36
C PHE B 250 1.22 -5.05 7.20
N SER B 251 -0.02 -4.65 7.44
CA SER B 251 -0.28 -3.42 8.17
C SER B 251 0.05 -3.56 9.65
N LEU B 252 -0.33 -4.69 10.27
CA LEU B 252 0.00 -4.89 11.67
C LEU B 252 1.49 -5.08 11.91
N GLY B 253 2.24 -5.46 10.87
CA GLY B 253 3.64 -5.76 11.03
C GLY B 253 3.95 -7.19 11.33
N LEU B 254 2.97 -8.09 11.24
CA LEU B 254 3.22 -9.50 11.48
C LEU B 254 4.13 -10.08 10.42
N GLY B 255 4.95 -11.05 10.83
CA GLY B 255 5.83 -11.73 9.89
C GLY B 255 7.14 -11.01 9.65
N PHE B 256 7.12 -9.67 9.72
CA PHE B 256 8.34 -8.90 9.53
C PHE B 256 9.32 -9.07 10.69
N GLY B 257 8.84 -9.50 11.85
CA GLY B 257 9.69 -9.68 13.01
C GLY B 257 9.96 -8.42 13.80
N SER B 258 9.47 -7.27 13.35
CA SER B 258 9.68 -6.04 14.08
C SER B 258 8.93 -6.04 15.41
N LEU B 259 7.75 -6.66 15.44
CA LEU B 259 6.96 -6.68 16.66
C LEU B 259 7.68 -7.43 17.78
N ILE B 260 8.29 -8.57 17.44
CA ILE B 260 9.03 -9.33 18.44
C ILE B 260 10.22 -8.52 18.96
N ALA B 261 10.93 -7.85 18.05
CA ALA B 261 12.07 -7.04 18.47
C ALA B 261 11.63 -5.92 19.40
N PHE B 262 10.51 -5.26 19.08
CA PHE B 262 10.01 -4.21 19.96
C PHE B 262 9.56 -4.76 21.31
N ALA B 263 8.91 -5.92 21.31
CA ALA B 263 8.43 -6.50 22.56
C ALA B 263 9.58 -6.99 23.43
N SER B 264 10.73 -7.32 22.82
CA SER B 264 11.88 -7.74 23.60
C SER B 264 12.45 -6.61 24.45
N TYR B 265 12.18 -5.35 24.11
CA TYR B 265 12.73 -4.21 24.82
C TYR B 265 11.84 -3.68 25.92
N ASN B 266 10.67 -4.27 26.13
CA ASN B 266 9.74 -3.78 27.13
C ASN B 266 9.87 -4.57 28.43
N GLU B 267 9.27 -4.01 29.49
CA GLU B 267 9.38 -4.60 30.81
C GLU B 267 8.68 -5.94 30.87
N PRO B 268 9.17 -6.87 31.69
CA PRO B 268 8.50 -8.17 31.81
C PRO B 268 7.07 -8.06 32.33
N SER B 269 6.79 -7.06 33.16
CA SER B 269 5.44 -6.84 33.69
C SER B 269 4.60 -5.93 32.80
N ASN B 270 5.12 -5.51 31.66
CA ASN B 270 4.36 -4.67 30.75
C ASN B 270 3.14 -5.41 30.23
N ASN B 271 2.02 -4.70 30.13
CA ASN B 271 0.77 -5.29 29.67
C ASN B 271 0.82 -5.46 28.15
N CYS B 272 0.44 -6.65 27.68
CA CYS B 272 0.48 -6.95 26.26
C CYS B 272 -0.88 -7.16 25.62
N GLN B 273 -1.83 -7.78 26.33
CA GLN B 273 -3.17 -8.00 25.76
C GLN B 273 -3.83 -6.67 25.40
N LYS B 274 -3.82 -5.73 26.34
CA LYS B 274 -4.34 -4.41 26.05
C LYS B 274 -3.58 -3.75 24.91
N HIS B 275 -2.25 -3.90 24.90
CA HIS B 275 -1.44 -3.32 23.84
C HIS B 275 -1.82 -3.89 22.48
N ALA B 276 -1.94 -5.22 22.40
CA ALA B 276 -2.26 -5.85 21.12
C ALA B 276 -3.65 -5.46 20.65
N ILE B 277 -4.64 -5.49 21.54
CA ILE B 277 -6.01 -5.15 21.15
C ILE B 277 -6.07 -3.70 20.69
N ILE B 278 -5.42 -2.79 21.42
CA ILE B 278 -5.45 -1.38 21.05
C ILE B 278 -4.78 -1.17 19.71
N VAL B 279 -3.62 -1.80 19.48
CA VAL B 279 -2.93 -1.61 18.21
C VAL B 279 -3.77 -2.13 17.05
N SER B 280 -4.34 -3.33 17.20
CA SER B 280 -5.13 -3.91 16.12
C SER B 280 -6.36 -3.06 15.79
N LEU B 281 -7.10 -2.66 16.84
CA LEU B 281 -8.32 -1.89 16.59
C LEU B 281 -8.00 -0.51 16.04
N ILE B 282 -6.93 0.14 16.54
CA ILE B 282 -6.55 1.44 16.02
C ILE B 282 -6.16 1.33 14.55
N ASN B 283 -5.39 0.29 14.19
CA ASN B 283 -5.01 0.11 12.80
C ASN B 283 -6.24 -0.08 11.92
N SER B 284 -7.18 -0.93 12.35
CA SER B 284 -8.38 -1.16 11.55
C SER B 284 -9.20 0.11 11.40
N PHE B 285 -9.38 0.86 12.49
CA PHE B 285 -10.17 2.09 12.43
C PHE B 285 -9.52 3.12 11.53
N THR B 286 -8.18 3.25 11.60
CA THR B 286 -7.50 4.21 10.74
C THR B 286 -7.63 3.81 9.27
N SER B 287 -7.49 2.52 8.97
CA SER B 287 -7.65 2.07 7.59
C SER B 287 -9.07 2.34 7.10
N ILE B 288 -10.07 2.10 7.94
CA ILE B 288 -11.45 2.35 7.55
C ILE B 288 -11.68 3.84 7.29
N PHE B 289 -11.14 4.70 8.15
CA PHE B 289 -11.31 6.13 7.96
C PHE B 289 -10.65 6.62 6.67
N ALA B 290 -9.43 6.14 6.41
CA ALA B 290 -8.74 6.52 5.17
C ALA B 290 -9.52 6.03 3.96
N SER B 291 -10.05 4.81 4.01
CA SER B 291 -10.87 4.31 2.91
C SER B 291 -12.13 5.14 2.74
N ILE B 292 -12.74 5.57 3.84
CA ILE B 292 -13.94 6.41 3.75
C ILE B 292 -13.63 7.69 2.99
N VAL B 293 -12.54 8.36 3.36
CA VAL B 293 -12.20 9.62 2.69
C VAL B 293 -11.89 9.37 1.22
N THR B 294 -11.03 8.39 0.94
CA THR B 294 -10.63 8.13 -0.43
C THR B 294 -11.81 7.76 -1.30
N PHE B 295 -12.75 6.98 -0.76
CA PHE B 295 -13.89 6.56 -1.56
C PHE B 295 -14.95 7.64 -1.67
N SER B 296 -15.02 8.57 -0.72
CA SER B 296 -15.85 9.75 -0.95
C SER B 296 -15.32 10.52 -2.16
N ILE B 297 -14.01 10.74 -2.21
CA ILE B 297 -13.44 11.45 -3.36
C ILE B 297 -13.63 10.65 -4.64
N TYR B 298 -13.46 9.33 -4.57
CA TYR B 298 -13.62 8.48 -5.75
C TYR B 298 -15.06 8.48 -6.25
N GLY B 299 -16.03 8.47 -5.33
CA GLY B 299 -17.41 8.59 -5.74
C GLY B 299 -17.70 9.92 -6.39
N PHE B 300 -17.05 10.99 -5.90
CA PHE B 300 -17.17 12.27 -6.59
C PHE B 300 -16.65 12.18 -8.01
N LYS B 301 -15.49 11.54 -8.19
CA LYS B 301 -14.95 11.39 -9.54
C LYS B 301 -15.88 10.60 -10.45
N ALA B 302 -16.43 9.49 -9.94
CA ALA B 302 -17.32 8.67 -10.74
C ALA B 302 -18.59 9.42 -11.10
N THR B 303 -19.18 10.15 -10.14
CA THR B 303 -20.38 10.92 -10.43
C THR B 303 -20.09 12.02 -11.44
N PHE B 304 -18.93 12.68 -11.32
CA PHE B 304 -18.58 13.71 -12.29
C PHE B 304 -18.42 13.12 -13.69
N ASN B 305 -17.80 11.95 -13.80
CA ASN B 305 -17.67 11.31 -15.11
C ASN B 305 -19.02 10.92 -15.67
N TYR B 306 -19.93 10.43 -14.81
CA TYR B 306 -21.27 10.09 -15.27
C TYR B 306 -22.01 11.33 -15.79
N GLU B 307 -21.92 12.44 -15.06
CA GLU B 307 -22.54 13.68 -15.51
C GLU B 307 -21.93 14.15 -16.82
N ASN B 308 -20.61 14.04 -16.96
CA ASN B 308 -19.96 14.49 -18.19
C ASN B 308 -20.39 13.64 -19.38
N CYS B 309 -20.49 12.32 -19.19
CA CYS B 309 -20.93 11.47 -20.28
C CYS B 309 -22.37 11.76 -20.68
N LEU B 310 -23.25 11.94 -19.69
CA LEU B 310 -24.63 12.31 -20.02
C LEU B 310 -24.69 13.65 -20.75
N LYS B 311 -23.88 14.61 -20.31
CA LYS B 311 -23.86 15.92 -20.97
C LYS B 311 -23.38 15.81 -22.41
N LYS B 312 -22.35 15.01 -22.65
CA LYS B 312 -21.86 14.83 -24.02
C LYS B 312 -22.91 14.18 -24.90
N VAL B 313 -23.57 13.13 -24.40
CA VAL B 313 -24.60 12.47 -25.20
C VAL B 313 -25.75 13.42 -25.48
N SER B 314 -26.18 14.18 -24.48
CA SER B 314 -27.27 15.13 -24.67
C SER B 314 -26.90 16.20 -25.68
N LEU B 315 -25.68 16.74 -25.59
CA LEU B 315 -25.24 17.74 -26.55
C LEU B 315 -25.20 17.18 -27.96
N LEU B 316 -24.69 15.96 -28.13
CA LEU B 316 -24.64 15.36 -29.45
C LEU B 316 -26.04 15.16 -30.02
N LEU B 317 -26.96 14.63 -29.22
CA LEU B 317 -28.33 14.44 -29.70
C LEU B 317 -28.99 15.76 -30.04
N THR B 318 -28.78 16.78 -29.21
CA THR B 318 -29.34 18.09 -29.50
C THR B 318 -28.79 18.67 -30.81
N ASN B 319 -27.49 18.51 -31.05
CA ASN B 319 -26.91 19.03 -32.27
C ASN B 319 -27.30 18.25 -33.51
N THR B 320 -27.61 16.97 -33.38
CA THR B 320 -27.97 16.16 -34.55
C THR B 320 -29.47 16.10 -34.81
N PHE B 321 -30.28 16.71 -33.94
CA PHE B 321 -31.74 16.71 -34.13
C PHE B 321 -32.33 18.11 -34.02
N ASP B 322 -31.49 19.14 -34.01
CA ASP B 322 -31.93 20.52 -33.92
C ASP B 322 -32.88 20.72 -32.75
N LEU B 323 -32.40 20.49 -31.54
CA LEU B 323 -33.19 20.59 -30.33
C LEU B 323 -32.86 21.90 -29.61
N GLU B 324 -33.62 22.19 -28.56
CA GLU B 324 -33.37 23.38 -27.76
C GLU B 324 -32.20 23.13 -26.81
N ASP B 325 -31.57 24.22 -26.38
CA ASP B 325 -30.38 24.11 -25.54
C ASP B 325 -30.69 23.39 -24.23
N GLY B 326 -31.82 23.71 -23.61
CA GLY B 326 -32.21 23.09 -22.36
C GLY B 326 -33.34 22.07 -22.46
N PHE B 327 -33.83 21.78 -23.66
CA PHE B 327 -34.95 20.85 -23.79
C PHE B 327 -34.56 19.44 -23.34
N LEU B 328 -33.38 18.98 -23.73
CA LEU B 328 -32.93 17.63 -23.40
C LEU B 328 -32.06 17.71 -22.15
N THR B 329 -32.49 17.04 -21.10
CA THR B 329 -31.74 16.97 -19.85
C THR B 329 -31.45 15.50 -19.53
N ALA B 330 -30.74 15.29 -18.42
CA ALA B 330 -30.42 13.92 -18.02
C ALA B 330 -31.65 13.19 -17.51
N SER B 331 -32.51 13.88 -16.75
CA SER B 331 -33.65 13.24 -16.11
C SER B 331 -34.72 12.79 -17.09
N ASN B 332 -34.69 13.24 -18.34
CA ASN B 332 -35.71 12.90 -19.33
C ASN B 332 -35.02 12.55 -20.66
N LEU B 333 -33.98 11.73 -20.58
CA LEU B 333 -33.18 11.40 -21.77
C LEU B 333 -33.83 10.31 -22.61
N GLU B 334 -33.98 9.10 -22.05
CA GLU B 334 -34.39 7.95 -22.85
C GLU B 334 -35.72 8.19 -23.54
N GLN B 335 -36.69 8.77 -22.82
CA GLN B 335 -37.97 9.08 -23.43
C GLN B 335 -37.80 9.87 -24.71
N VAL B 336 -37.01 10.95 -24.65
CA VAL B 336 -36.76 11.74 -25.85
C VAL B 336 -36.15 10.87 -26.92
N LYS B 337 -35.16 10.05 -26.55
CA LYS B 337 -34.58 9.11 -27.50
C LYS B 337 -35.66 8.24 -28.11
N GLY B 338 -36.54 7.69 -27.26
CA GLY B 338 -37.64 6.90 -27.78
C GLY B 338 -38.49 7.68 -28.76
N TYR B 339 -38.78 8.94 -28.44
CA TYR B 339 -39.54 9.77 -29.36
C TYR B 339 -38.81 9.90 -30.68
N LEU B 340 -37.49 10.10 -30.62
CA LEU B 340 -36.71 10.12 -31.86
C LEU B 340 -36.82 8.78 -32.57
N ALA B 341 -36.78 7.68 -31.81
CA ALA B 341 -36.97 6.36 -32.40
C ALA B 341 -38.32 6.27 -33.09
N SER B 342 -39.33 6.98 -32.57
CA SER B 342 -40.62 7.03 -33.23
C SER B 342 -40.70 8.12 -34.29
N ALA B 343 -39.83 9.13 -34.22
CA ALA B 343 -39.92 10.24 -35.16
C ALA B 343 -39.37 9.84 -36.52
N TYR B 344 -38.08 9.49 -36.58
CA TYR B 344 -37.43 9.08 -37.81
C TYR B 344 -36.25 8.19 -37.47
N PRO B 345 -36.45 6.87 -37.45
CA PRO B 345 -35.34 5.97 -37.10
C PRO B 345 -34.19 6.02 -38.08
N SER B 346 -34.39 6.55 -39.29
CA SER B 346 -33.30 6.65 -40.25
C SER B 346 -32.16 7.51 -39.71
N LYS B 347 -32.51 8.65 -39.12
CA LYS B 347 -31.49 9.52 -38.54
C LYS B 347 -30.96 8.95 -37.22
N TYR B 348 -31.84 8.31 -36.45
CA TYR B 348 -31.42 7.76 -35.16
C TYR B 348 -30.39 6.66 -35.34
N SER B 349 -30.61 5.78 -36.32
CA SER B 349 -29.66 4.70 -36.58
C SER B 349 -28.32 5.23 -37.11
N GLU B 350 -28.31 6.41 -37.72
CA GLU B 350 -27.06 6.99 -38.21
C GLU B 350 -26.09 7.30 -37.08
N MET B 351 -26.60 7.48 -35.85
CA MET B 351 -25.73 7.72 -34.70
C MET B 351 -25.94 6.74 -33.55
N PHE B 352 -26.75 5.70 -33.73
CA PHE B 352 -26.95 4.73 -32.66
C PHE B 352 -25.66 4.14 -32.12
N PRO B 353 -24.69 3.72 -32.93
CA PRO B 353 -23.40 3.26 -32.35
C PRO B 353 -22.63 4.37 -31.65
N GLN B 354 -22.86 5.63 -32.01
CA GLN B 354 -22.12 6.73 -31.41
C GLN B 354 -22.57 7.03 -29.99
N ILE B 355 -23.85 6.81 -29.69
CA ILE B 355 -24.36 7.05 -28.35
C ILE B 355 -23.75 6.04 -27.39
N LYS B 356 -23.37 6.51 -26.20
CA LYS B 356 -22.73 5.68 -25.19
C LYS B 356 -23.69 5.47 -24.03
N ASN B 357 -23.69 4.25 -23.47
CA ASN B 357 -24.49 3.93 -22.30
C ASN B 357 -23.57 4.05 -21.08
N CYS B 358 -23.78 5.08 -20.28
CA CYS B 358 -22.98 5.32 -19.08
C CYS B 358 -23.89 5.32 -17.86
N SER B 359 -23.50 4.56 -16.84
CA SER B 359 -24.25 4.42 -15.60
C SER B 359 -23.29 4.53 -14.42
N LEU B 360 -23.87 4.81 -13.25
CA LEU B 360 -23.06 5.02 -12.05
C LEU B 360 -22.28 3.77 -11.67
N GLU B 361 -22.90 2.60 -11.79
CA GLU B 361 -22.25 1.37 -11.34
C GLU B 361 -20.98 1.09 -12.13
N SER B 362 -21.05 1.20 -13.45
CA SER B 362 -19.87 0.92 -14.28
C SER B 362 -18.73 1.89 -13.97
N GLU B 363 -19.06 3.18 -13.81
CA GLU B 363 -18.02 4.15 -13.49
C GLU B 363 -17.42 3.88 -12.13
N LEU B 364 -18.27 3.64 -11.12
CA LEU B 364 -17.75 3.30 -9.79
C LEU B 364 -16.86 2.08 -9.86
N ASP B 365 -17.13 1.15 -10.78
CA ASP B 365 -16.26 0.00 -10.92
C ASP B 365 -14.95 0.33 -11.62
N THR B 366 -14.95 1.24 -12.60
CA THR B 366 -13.78 1.46 -13.43
C THR B 366 -13.42 2.93 -13.62
N ALA B 367 -13.82 3.81 -12.69
CA ALA B 367 -13.44 5.21 -12.81
C ALA B 367 -11.92 5.37 -12.69
N VAL B 368 -11.38 5.04 -11.52
CA VAL B 368 -9.95 5.10 -11.26
C VAL B 368 -9.53 3.79 -10.64
N GLN B 369 -8.44 3.21 -11.14
CA GLN B 369 -7.92 1.98 -10.58
C GLN B 369 -6.44 1.88 -10.90
N GLY B 370 -5.75 1.02 -10.14
CA GLY B 370 -4.33 0.80 -10.29
C GLY B 370 -3.62 0.98 -8.98
N THR B 371 -2.30 0.83 -9.02
CA THR B 371 -1.50 0.97 -7.80
C THR B 371 -1.44 2.40 -7.30
N GLY B 372 -1.88 3.37 -8.08
CA GLY B 372 -1.83 4.75 -7.66
C GLY B 372 -3.20 5.37 -7.46
N LEU B 373 -4.13 4.59 -6.89
CA LEU B 373 -5.46 5.13 -6.64
C LEU B 373 -5.42 6.26 -5.62
N ALA B 374 -4.60 6.12 -4.57
CA ALA B 374 -4.53 7.14 -3.53
C ALA B 374 -4.02 8.46 -4.10
N PHE B 375 -2.95 8.41 -4.89
CA PHE B 375 -2.36 9.64 -5.42
C PHE B 375 -3.32 10.32 -6.39
N ILE B 376 -3.90 9.57 -7.31
CA ILE B 376 -4.83 10.14 -8.28
C ILE B 376 -6.03 10.75 -7.58
N VAL B 377 -6.61 10.01 -6.65
CA VAL B 377 -7.82 10.46 -5.98
C VAL B 377 -7.55 11.71 -5.15
N TYR B 378 -6.44 11.73 -4.41
CA TYR B 378 -6.17 12.89 -3.57
C TYR B 378 -5.73 14.09 -4.40
N THR B 379 -5.07 13.89 -5.53
CA THR B 379 -4.80 15.02 -6.41
C THR B 379 -6.09 15.58 -6.99
N GLU B 380 -7.05 14.72 -7.31
CA GLU B 380 -8.35 15.22 -7.74
C GLU B 380 -9.01 16.04 -6.63
N ALA B 381 -8.94 15.56 -5.40
CA ALA B 381 -9.52 16.31 -4.28
C ALA B 381 -8.81 17.63 -4.07
N ILE B 382 -7.50 17.68 -4.28
CA ILE B 382 -6.74 18.91 -4.09
C ILE B 382 -7.06 19.91 -5.18
N LYS B 383 -7.18 19.47 -6.43
CA LYS B 383 -7.45 20.40 -7.51
C LYS B 383 -8.84 21.02 -7.42
N ASN B 384 -9.72 20.49 -6.55
CA ASN B 384 -11.03 21.08 -6.29
C ASN B 384 -11.06 21.79 -4.94
N MET B 385 -9.94 22.37 -4.52
CA MET B 385 -9.86 23.08 -3.27
C MET B 385 -9.85 24.59 -3.52
N GLU B 386 -9.66 25.36 -2.44
CA GLU B 386 -9.57 26.81 -2.53
C GLU B 386 -8.12 27.26 -2.70
N VAL B 387 -7.27 26.95 -1.73
CA VAL B 387 -5.83 27.17 -1.83
C VAL B 387 -5.22 25.80 -2.09
N SER B 388 -5.06 25.46 -3.37
CA SER B 388 -4.66 24.11 -3.73
C SER B 388 -3.26 23.79 -3.25
N GLN B 389 -2.33 24.74 -3.39
CA GLN B 389 -0.92 24.43 -3.12
C GLN B 389 -0.69 24.04 -1.67
N LEU B 390 -1.33 24.76 -0.73
CA LEU B 390 -1.11 24.47 0.68
C LEU B 390 -1.62 23.08 1.05
N TRP B 391 -2.82 22.72 0.60
CA TRP B 391 -3.35 21.40 0.91
C TRP B 391 -2.51 20.31 0.25
N SER B 392 -2.06 20.53 -0.98
CA SER B 392 -1.22 19.54 -1.65
C SER B 392 0.06 19.32 -0.87
N VAL B 393 0.71 20.40 -0.45
CA VAL B 393 1.96 20.28 0.30
C VAL B 393 1.72 19.56 1.61
N LEU B 394 0.67 19.93 2.33
CA LEU B 394 0.40 19.28 3.62
C LEU B 394 0.16 17.79 3.46
N TYR B 395 -0.70 17.41 2.50
CA TYR B 395 -1.02 15.99 2.34
C TYR B 395 0.21 15.20 1.91
N PHE B 396 0.97 15.72 0.94
CA PHE B 396 2.11 14.95 0.47
C PHE B 396 3.22 14.91 1.51
N PHE B 397 3.36 15.94 2.32
CA PHE B 397 4.31 15.87 3.43
C PHE B 397 3.88 14.84 4.45
N MET B 398 2.58 14.76 4.73
CA MET B 398 2.09 13.75 5.66
C MET B 398 2.37 12.34 5.13
N LEU B 399 2.08 12.12 3.85
CA LEU B 399 2.31 10.81 3.26
C LEU B 399 3.80 10.47 3.22
N LEU B 400 4.64 11.46 2.93
CA LEU B 400 6.08 11.23 2.93
C LEU B 400 6.59 10.92 4.33
N MET B 401 6.05 11.60 5.35
CA MET B 401 6.44 11.31 6.73
C MET B 401 6.03 9.89 7.12
N LEU B 402 4.81 9.48 6.74
CA LEU B 402 4.39 8.12 7.03
C LEU B 402 5.29 7.10 6.34
N GLY B 403 5.63 7.36 5.08
CA GLY B 403 6.49 6.44 4.35
C GLY B 403 7.88 6.38 4.95
N ILE B 404 8.43 7.51 5.36
CA ILE B 404 9.75 7.53 5.98
C ILE B 404 9.73 6.77 7.29
N GLY B 405 8.67 6.95 8.09
CA GLY B 405 8.57 6.21 9.34
C GLY B 405 8.47 4.70 9.12
N SER B 406 7.63 4.29 8.17
CA SER B 406 7.50 2.86 7.88
C SER B 406 8.82 2.30 7.36
N MET B 407 9.51 3.04 6.49
CA MET B 407 10.78 2.57 5.97
C MET B 407 11.85 2.52 7.06
N LEU B 408 11.82 3.48 7.99
CA LEU B 408 12.73 3.42 9.13
C LEU B 408 12.49 2.18 9.96
N GLY B 409 11.22 1.87 10.25
CA GLY B 409 10.93 0.66 11.00
C GLY B 409 11.39 -0.59 10.29
N ASN B 410 11.09 -0.69 8.99
CA ASN B 410 11.47 -1.88 8.22
C ASN B 410 12.98 -2.01 8.13
N THR B 411 13.68 -0.91 7.89
CA THR B 411 15.13 -0.97 7.76
C THR B 411 15.80 -1.26 9.09
N ALA B 412 15.25 -0.75 10.20
CA ALA B 412 15.76 -1.13 11.51
C ALA B 412 15.56 -2.62 11.77
N ALA B 413 14.40 -3.15 11.37
CA ALA B 413 14.17 -4.59 11.51
C ALA B 413 15.14 -5.40 10.64
N ILE B 414 15.53 -4.85 9.48
CA ILE B 414 16.50 -5.53 8.64
C ILE B 414 17.89 -5.49 9.28
N LEU B 415 18.28 -4.32 9.78
CA LEU B 415 19.65 -4.13 10.27
C LEU B 415 19.90 -4.78 11.62
N THR B 416 18.84 -4.94 12.44
CA THR B 416 19.05 -5.49 13.78
C THR B 416 19.72 -6.86 13.78
N PRO B 417 19.27 -7.85 12.99
CA PRO B 417 20.05 -9.10 12.92
C PRO B 417 21.45 -8.89 12.39
N LEU B 418 21.63 -7.99 11.44
CA LEU B 418 22.97 -7.69 10.94
C LEU B 418 23.79 -6.94 11.96
N THR B 419 23.14 -6.08 12.78
CA THR B 419 23.85 -5.41 13.87
C THR B 419 24.32 -6.42 14.91
N ASP B 420 23.50 -7.42 15.21
CA ASP B 420 23.87 -8.45 16.16
C ASP B 420 24.99 -9.37 15.68
N SER B 421 25.31 -9.35 14.39
CA SER B 421 26.33 -10.23 13.83
C SER B 421 27.70 -9.79 14.34
N LYS B 422 28.31 -10.61 15.19
CA LYS B 422 29.64 -10.30 15.71
C LYS B 422 30.68 -10.31 14.61
N ILE B 423 30.59 -11.27 13.69
CA ILE B 423 31.57 -11.38 12.62
C ILE B 423 31.51 -10.16 11.70
N ILE B 424 30.30 -9.72 11.37
CA ILE B 424 30.15 -8.58 10.47
C ILE B 424 30.64 -7.29 11.15
N SER B 425 30.34 -7.13 12.44
CA SER B 425 30.69 -5.90 13.13
C SER B 425 32.19 -5.68 13.24
N SER B 426 32.97 -6.75 13.33
CA SER B 426 34.42 -6.64 13.46
C SER B 426 35.13 -6.53 12.12
N HIS B 427 34.40 -6.62 11.01
CA HIS B 427 34.99 -6.49 9.68
C HIS B 427 34.71 -5.12 9.06
N LEU B 428 33.59 -4.50 9.42
CA LEU B 428 33.21 -3.20 8.90
C LEU B 428 32.62 -2.34 10.01
N PRO B 429 32.76 -1.02 9.91
CA PRO B 429 32.12 -0.14 10.89
C PRO B 429 30.60 -0.28 10.84
N LYS B 430 29.98 -0.10 12.00
CA LYS B 430 28.53 -0.29 12.11
C LYS B 430 27.77 0.75 11.28
N GLU B 431 28.33 1.94 11.13
CA GLU B 431 27.66 2.99 10.36
C GLU B 431 27.77 2.79 8.86
N ALA B 432 28.73 1.99 8.39
CA ALA B 432 28.87 1.73 6.97
C ALA B 432 27.95 0.62 6.47
N ILE B 433 27.49 -0.26 7.35
CA ILE B 433 26.55 -1.30 6.95
C ILE B 433 25.25 -0.68 6.48
N SER B 434 24.78 0.37 7.17
CA SER B 434 23.56 1.05 6.74
C SER B 434 23.74 1.68 5.35
N GLY B 435 24.89 2.31 5.11
CA GLY B 435 25.14 2.88 3.80
C GLY B 435 25.19 1.83 2.70
N LEU B 436 25.84 0.70 2.98
CA LEU B 436 25.88 -0.39 2.02
C LEU B 436 24.48 -0.92 1.72
N VAL B 437 23.67 -1.08 2.76
CA VAL B 437 22.30 -1.57 2.58
C VAL B 437 21.49 -0.58 1.75
N CYS B 438 21.61 0.71 2.04
CA CYS B 438 20.89 1.71 1.28
C CYS B 438 21.32 1.72 -0.18
N LEU B 439 22.62 1.63 -0.43
CA LEU B 439 23.11 1.62 -1.80
C LEU B 439 22.60 0.41 -2.57
N VAL B 440 22.66 -0.78 -1.95
CA VAL B 440 22.22 -1.99 -2.62
C VAL B 440 20.72 -1.93 -2.88
N ASN B 441 19.95 -1.46 -1.89
CA ASN B 441 18.51 -1.37 -2.08
C ASN B 441 18.15 -0.36 -3.17
N CYS B 442 18.87 0.76 -3.24
CA CYS B 442 18.61 1.71 -4.31
C CYS B 442 18.95 1.11 -5.67
N ALA B 443 20.08 0.38 -5.76
CA ALA B 443 20.45 -0.24 -7.02
C ALA B 443 19.40 -1.26 -7.46
N ILE B 444 18.87 -2.03 -6.52
CA ILE B 444 17.85 -3.03 -6.87
C ILE B 444 16.54 -2.35 -7.23
N GLY B 445 16.16 -1.31 -6.49
CA GLY B 445 14.90 -0.62 -6.73
C GLY B 445 14.93 0.36 -7.88
N MET B 446 16.09 0.58 -8.49
CA MET B 446 16.14 1.37 -9.71
C MET B 446 15.33 0.74 -10.83
N VAL B 447 15.00 -0.55 -10.71
CA VAL B 447 14.19 -1.21 -11.73
C VAL B 447 12.84 -0.53 -11.87
N PHE B 448 12.22 -0.14 -10.76
CA PHE B 448 10.89 0.45 -10.79
C PHE B 448 10.85 1.83 -11.43
N THR B 449 11.98 2.35 -11.90
CA THR B 449 12.02 3.66 -12.53
C THR B 449 12.06 3.57 -14.06
N MET B 450 11.93 2.38 -14.62
CA MET B 450 11.89 2.22 -16.07
C MET B 450 10.54 2.70 -16.61
N GLU B 451 10.36 2.57 -17.92
CA GLU B 451 9.06 2.90 -18.51
C GLU B 451 7.98 1.95 -17.99
N ALA B 452 8.26 0.66 -17.97
CA ALA B 452 7.33 -0.33 -17.45
C ALA B 452 7.60 -0.66 -15.98
N GLY B 453 8.24 0.24 -15.25
CA GLY B 453 8.57 -0.04 -13.86
C GLY B 453 7.33 -0.21 -12.98
N ASN B 454 6.24 0.45 -13.36
CA ASN B 454 5.03 0.35 -12.55
C ASN B 454 4.47 -1.07 -12.54
N TYR B 455 4.64 -1.80 -13.64
CA TYR B 455 4.20 -3.19 -13.67
C TYR B 455 4.99 -4.04 -12.68
N TRP B 456 6.31 -3.85 -12.64
CA TRP B 456 7.12 -4.58 -11.67
C TRP B 456 6.77 -4.18 -10.24
N PHE B 457 6.48 -2.90 -10.04
CA PHE B 457 6.05 -2.46 -8.72
C PHE B 457 4.74 -3.13 -8.33
N ASP B 458 3.83 -3.28 -9.28
CA ASP B 458 2.58 -3.99 -9.01
C ASP B 458 2.85 -5.45 -8.67
N ILE B 459 3.78 -6.08 -9.39
CA ILE B 459 4.12 -7.47 -9.10
C ILE B 459 4.66 -7.60 -7.68
N PHE B 460 5.56 -6.70 -7.29
CA PHE B 460 6.15 -6.76 -5.96
C PHE B 460 5.24 -6.21 -4.88
N ASN B 461 4.15 -5.56 -5.24
CA ASN B 461 3.13 -5.18 -4.28
C ASN B 461 2.08 -6.27 -4.09
N ASP B 462 1.90 -7.12 -5.09
CA ASP B 462 0.92 -8.21 -5.02
C ASP B 462 1.52 -9.50 -4.49
N TYR B 463 2.80 -9.79 -4.78
CA TYR B 463 3.32 -11.12 -4.50
C TYR B 463 4.54 -11.14 -3.58
N ALA B 464 5.19 -10.00 -3.36
CA ALA B 464 6.34 -10.00 -2.47
C ALA B 464 5.94 -10.11 -1.00
N ALA B 465 4.65 -9.92 -0.69
CA ALA B 465 4.17 -9.99 0.68
C ALA B 465 2.92 -10.84 0.85
N THR B 466 2.42 -11.47 -0.20
CA THR B 466 1.19 -12.25 -0.08
C THR B 466 1.46 -13.60 0.58
N LEU B 467 2.20 -14.48 -0.11
CA LEU B 467 2.39 -15.84 0.39
C LEU B 467 3.42 -15.87 1.52
N SER B 468 4.43 -15.01 1.44
CA SER B 468 5.52 -15.06 2.41
C SER B 468 5.03 -14.79 3.83
N LEU B 469 4.26 -13.70 3.99
CA LEU B 469 3.75 -13.33 5.31
C LEU B 469 2.85 -14.42 5.88
N LEU B 470 1.97 -14.96 5.04
CA LEU B 470 1.06 -16.00 5.49
C LEU B 470 1.82 -17.23 5.94
N LEU B 471 2.84 -17.64 5.16
CA LEU B 471 3.61 -18.82 5.52
C LEU B 471 4.39 -18.60 6.82
N ILE B 472 4.99 -17.41 6.96
CA ILE B 472 5.75 -17.13 8.19
C ILE B 472 4.83 -17.16 9.40
N VAL B 473 3.65 -16.54 9.27
CA VAL B 473 2.70 -16.52 10.37
C VAL B 473 2.26 -17.94 10.72
N LEU B 474 1.99 -18.76 9.71
CA LEU B 474 1.59 -20.14 9.94
C LEU B 474 2.69 -20.92 10.67
N VAL B 475 3.94 -20.72 10.26
CA VAL B 475 5.05 -21.40 10.93
C VAL B 475 5.15 -20.96 12.38
N GLU B 476 5.02 -19.64 12.62
CA GLU B 476 5.12 -19.13 13.98
C GLU B 476 4.03 -19.69 14.88
N THR B 477 2.78 -19.71 14.38
CA THR B 477 1.69 -20.18 15.22
C THR B 477 1.73 -21.69 15.40
N ILE B 478 2.27 -22.43 14.43
CA ILE B 478 2.47 -23.86 14.64
C ILE B 478 3.53 -24.10 15.70
N ALA B 479 4.63 -23.35 15.64
CA ALA B 479 5.72 -23.54 16.60
C ALA B 479 5.27 -23.21 18.02
N VAL B 480 4.57 -22.09 18.20
CA VAL B 480 4.09 -21.73 19.53
C VAL B 480 2.86 -22.54 19.93
N CYS B 481 2.23 -23.23 18.97
CA CYS B 481 1.01 -23.98 19.28
C CYS B 481 1.32 -25.36 19.80
N TYR B 482 2.16 -26.12 19.08
CA TYR B 482 2.39 -27.52 19.42
C TYR B 482 3.85 -27.87 19.66
N VAL B 483 4.80 -27.10 19.14
CA VAL B 483 6.20 -27.44 19.27
C VAL B 483 6.68 -27.13 20.68
N TYR B 484 6.60 -25.86 21.08
CA TYR B 484 6.97 -25.50 22.44
C TYR B 484 5.95 -26.03 23.44
N GLY B 485 4.68 -26.05 23.05
CA GLY B 485 3.62 -26.49 23.95
C GLY B 485 2.80 -25.33 24.45
N LEU B 486 1.49 -25.35 24.18
CA LEU B 486 0.64 -24.24 24.57
C LEU B 486 0.55 -24.13 26.10
N ARG B 487 0.48 -25.27 26.79
CA ARG B 487 0.40 -25.22 28.25
C ARG B 487 1.66 -24.62 28.86
N ARG B 488 2.83 -24.98 28.32
CA ARG B 488 4.07 -24.39 28.81
C ARG B 488 4.11 -22.88 28.56
N PHE B 489 3.66 -22.45 27.39
CA PHE B 489 3.63 -21.03 27.08
C PHE B 489 2.69 -20.29 28.02
N GLU B 490 1.52 -20.86 28.28
CA GLU B 490 0.57 -20.23 29.20
C GLU B 490 1.15 -20.15 30.60
N SER B 491 1.81 -21.22 31.06
CA SER B 491 2.42 -21.19 32.38
C SER B 491 3.52 -20.14 32.46
N ASP B 492 4.36 -20.04 31.42
CA ASP B 492 5.41 -19.03 31.42
C ASP B 492 4.82 -17.63 31.45
N LEU B 493 3.78 -17.39 30.65
CA LEU B 493 3.16 -16.07 30.65
C LEU B 493 2.51 -15.76 31.99
N LYS B 494 1.89 -16.75 32.62
CA LYS B 494 1.28 -16.53 33.93
C LYS B 494 2.34 -16.22 34.97
N ALA B 495 3.47 -16.92 34.93
CA ALA B 495 4.56 -16.61 35.85
C ALA B 495 5.12 -15.21 35.60
N MET B 496 5.19 -14.81 34.32
CA MET B 496 5.75 -13.50 33.99
C MET B 496 4.82 -12.37 34.45
N THR B 497 3.52 -12.51 34.20
CA THR B 497 2.61 -11.40 34.48
C THR B 497 1.33 -11.79 35.18
N GLY B 498 0.96 -13.05 35.27
CA GLY B 498 -0.31 -13.42 35.84
C GLY B 498 -1.44 -13.17 34.87
N ARG B 499 -2.65 -13.52 35.33
CA ARG B 499 -3.85 -13.43 34.50
C ARG B 499 -3.63 -14.22 33.21
N ALA B 500 -3.42 -15.52 33.35
CA ALA B 500 -3.08 -16.37 32.22
C ALA B 500 -4.14 -16.26 31.14
N VAL B 501 -3.74 -16.57 29.90
CA VAL B 501 -4.51 -16.29 28.71
C VAL B 501 -5.93 -16.85 28.81
N SER B 502 -6.90 -16.04 28.43
CA SER B 502 -8.28 -16.52 28.36
C SER B 502 -8.41 -17.57 27.28
N TRP B 503 -9.42 -18.42 27.42
CA TRP B 503 -9.59 -19.53 26.49
C TRP B 503 -9.83 -19.06 25.06
N TYR B 504 -10.26 -17.81 24.87
CA TYR B 504 -10.40 -17.30 23.51
C TYR B 504 -9.05 -17.27 22.80
N TRP B 505 -8.03 -16.70 23.43
CA TRP B 505 -6.71 -16.64 22.81
C TRP B 505 -6.16 -18.03 22.56
N LYS B 506 -6.33 -18.93 23.52
CA LYS B 506 -5.83 -20.30 23.36
C LYS B 506 -6.51 -21.00 22.19
N VAL B 507 -7.83 -20.83 22.06
CA VAL B 507 -8.54 -21.44 20.94
C VAL B 507 -8.05 -20.86 19.62
N MET B 508 -7.90 -19.53 19.56
CA MET B 508 -7.47 -18.90 18.31
C MET B 508 -6.08 -19.35 17.91
N TRP B 509 -5.16 -19.47 18.86
CA TRP B 509 -3.82 -19.91 18.55
C TRP B 509 -3.74 -21.40 18.26
N ALA B 510 -4.65 -22.20 18.83
CA ALA B 510 -4.52 -23.64 18.73
C ALA B 510 -4.88 -24.16 17.34
N GLY B 511 -6.11 -23.91 16.89
CA GLY B 511 -6.55 -24.52 15.66
C GLY B 511 -7.48 -23.69 14.80
N VAL B 512 -7.59 -22.39 15.06
CA VAL B 512 -8.47 -21.55 14.27
C VAL B 512 -7.65 -20.78 13.23
N SER B 513 -6.68 -20.00 13.70
CA SER B 513 -5.85 -19.22 12.77
C SER B 513 -5.08 -20.10 11.80
N PRO B 514 -4.37 -21.16 12.23
CA PRO B 514 -3.70 -22.02 11.24
C PRO B 514 -4.68 -22.64 10.25
N LEU B 515 -5.82 -23.15 10.74
CA LEU B 515 -6.79 -23.77 9.84
C LEU B 515 -7.33 -22.75 8.84
N LEU B 516 -7.66 -21.55 9.32
CA LEU B 516 -8.19 -20.53 8.40
C LEU B 516 -7.16 -20.14 7.36
N ILE B 517 -5.90 -19.96 7.76
CA ILE B 517 -4.87 -19.59 6.80
C ILE B 517 -4.66 -20.70 5.78
N VAL B 518 -4.63 -21.95 6.24
CA VAL B 518 -4.45 -23.07 5.32
C VAL B 518 -5.61 -23.15 4.34
N SER B 519 -6.84 -22.97 4.83
CA SER B 519 -8.00 -23.00 3.95
C SER B 519 -7.94 -21.90 2.91
N LEU B 520 -7.54 -20.69 3.33
CA LEU B 520 -7.40 -19.59 2.38
C LEU B 520 -6.35 -19.89 1.32
N PHE B 521 -5.22 -20.46 1.75
CA PHE B 521 -4.17 -20.81 0.79
C PHE B 521 -4.66 -21.86 -0.20
N VAL B 522 -5.37 -22.88 0.29
CA VAL B 522 -5.88 -23.92 -0.59
C VAL B 522 -6.86 -23.34 -1.59
N PHE B 523 -7.76 -22.48 -1.13
CA PHE B 523 -8.73 -21.85 -2.03
C PHE B 523 -8.03 -21.01 -3.08
N TYR B 524 -7.02 -20.23 -2.67
CA TYR B 524 -6.30 -19.39 -3.63
C TYR B 524 -5.58 -20.23 -4.67
N LEU B 525 -4.89 -21.29 -4.22
CA LEU B 525 -4.18 -22.15 -5.16
C LEU B 525 -5.14 -22.82 -6.13
N SER B 526 -6.28 -23.31 -5.62
CA SER B 526 -7.27 -23.95 -6.49
C SER B 526 -7.82 -22.96 -7.50
N ASP B 527 -8.10 -21.73 -7.06
CA ASP B 527 -8.60 -20.70 -7.97
C ASP B 527 -7.60 -20.40 -9.06
N TYR B 528 -6.32 -20.25 -8.70
CA TYR B 528 -5.29 -19.98 -9.70
C TYR B 528 -5.16 -21.14 -10.68
N ILE B 529 -5.19 -22.38 -10.17
CA ILE B 529 -5.05 -23.54 -11.04
C ILE B 529 -6.21 -23.64 -12.01
N LEU B 530 -7.44 -23.45 -11.53
CA LEU B 530 -8.61 -23.56 -12.38
C LEU B 530 -8.66 -22.45 -13.42
N THR B 531 -8.47 -21.20 -12.98
CA THR B 531 -8.55 -20.08 -13.91
C THR B 531 -7.35 -20.06 -14.85
N GLY B 532 -6.14 -20.16 -14.29
CA GLY B 532 -4.93 -20.16 -15.11
C GLY B 532 -4.75 -18.94 -15.98
N THR B 533 -5.34 -17.80 -15.59
CA THR B 533 -5.34 -16.59 -16.40
C THR B 533 -4.96 -15.39 -15.54
N LEU B 534 -3.85 -15.51 -14.80
CA LEU B 534 -3.36 -14.42 -13.98
C LEU B 534 -2.98 -13.26 -14.88
N LYS B 535 -3.77 -12.19 -14.85
CA LYS B 535 -3.62 -11.06 -15.76
C LYS B 535 -3.45 -9.78 -14.98
N TYR B 536 -2.77 -8.81 -15.61
CA TYR B 536 -2.49 -7.53 -15.00
C TYR B 536 -3.15 -6.42 -15.81
N GLN B 537 -3.47 -5.33 -15.13
CA GLN B 537 -4.02 -4.15 -15.79
C GLN B 537 -2.91 -3.38 -16.49
N ALA B 538 -3.23 -2.84 -17.66
CA ALA B 538 -2.27 -2.08 -18.45
C ALA B 538 -2.96 -0.85 -19.02
N TRP B 539 -2.23 0.26 -19.05
CA TRP B 539 -2.78 1.51 -19.56
C TRP B 539 -2.94 1.45 -21.07
N ASP B 540 -4.08 1.93 -21.56
CA ASP B 540 -4.37 2.02 -22.99
C ASP B 540 -4.73 3.48 -23.28
N ALA B 541 -3.78 4.19 -23.91
CA ALA B 541 -4.00 5.61 -24.21
C ALA B 541 -5.09 5.80 -25.26
N SER B 542 -5.15 4.92 -26.26
CA SER B 542 -6.13 5.06 -27.31
C SER B 542 -7.55 5.03 -26.75
N GLN B 543 -7.85 4.04 -25.91
CA GLN B 543 -9.12 4.04 -25.18
C GLN B 543 -9.05 4.90 -23.93
N GLY B 544 -7.85 5.27 -23.47
CA GLY B 544 -7.71 6.04 -22.26
C GLY B 544 -8.24 5.31 -21.03
N GLN B 545 -7.94 4.03 -20.91
CA GLN B 545 -8.51 3.23 -19.83
C GLN B 545 -7.50 2.15 -19.44
N LEU B 546 -7.96 1.14 -18.72
CA LEU B 546 -7.12 0.01 -18.31
C LEU B 546 -7.67 -1.27 -18.92
N VAL B 547 -6.79 -2.03 -19.56
CA VAL B 547 -7.15 -3.28 -20.21
C VAL B 547 -6.39 -4.41 -19.52
N THR B 548 -7.09 -5.52 -19.30
CA THR B 548 -6.45 -6.69 -18.72
C THR B 548 -5.62 -7.42 -19.78
N LYS B 549 -4.38 -7.76 -19.44
CA LYS B 549 -3.51 -8.47 -20.35
C LYS B 549 -2.83 -9.60 -19.60
N ASP B 550 -2.61 -10.72 -20.29
CA ASP B 550 -2.02 -11.89 -19.69
C ASP B 550 -0.56 -11.63 -19.30
N TYR B 551 -0.16 -12.19 -18.16
CA TYR B 551 1.23 -12.05 -17.73
C TYR B 551 2.15 -12.83 -18.66
N PRO B 552 3.32 -12.30 -18.97
CA PRO B 552 4.30 -13.06 -19.75
C PRO B 552 5.00 -14.11 -18.90
N ALA B 553 5.75 -14.98 -19.59
CA ALA B 553 6.42 -16.07 -18.89
C ALA B 553 7.47 -15.57 -17.91
N TYR B 554 8.29 -14.60 -18.35
CA TYR B 554 9.40 -14.16 -17.50
C TYR B 554 8.92 -13.42 -16.27
N ALA B 555 7.86 -12.62 -16.39
CA ALA B 555 7.30 -11.95 -15.21
C ALA B 555 6.77 -12.96 -14.20
N LEU B 556 6.08 -14.00 -14.69
CA LEU B 556 5.60 -15.05 -13.81
C LEU B 556 6.77 -15.77 -13.14
N ALA B 557 7.85 -16.00 -13.89
CA ALA B 557 9.03 -16.61 -13.31
C ALA B 557 9.63 -15.74 -12.21
N VAL B 558 9.68 -14.44 -12.45
CA VAL B 558 10.23 -13.53 -11.44
C VAL B 558 9.37 -13.53 -10.18
N ILE B 559 8.05 -13.49 -10.35
CA ILE B 559 7.16 -13.52 -9.19
C ILE B 559 7.32 -14.83 -8.43
N GLY B 560 7.39 -15.95 -9.16
CA GLY B 560 7.57 -17.24 -8.52
C GLY B 560 8.86 -17.32 -7.75
N LEU B 561 9.95 -16.81 -8.33
CA LEU B 561 11.25 -16.82 -7.63
C LEU B 561 11.19 -15.94 -6.38
N LEU B 562 10.58 -14.76 -6.48
CA LEU B 562 10.50 -13.87 -5.34
C LEU B 562 9.72 -14.50 -4.20
N VAL B 563 8.63 -15.20 -4.52
CA VAL B 563 7.87 -15.89 -3.47
C VAL B 563 8.66 -17.09 -2.96
N ALA B 564 9.32 -17.82 -3.85
CA ALA B 564 9.95 -19.08 -3.49
C ALA B 564 11.14 -18.88 -2.57
N SER B 565 11.93 -17.83 -2.79
CA SER B 565 13.06 -17.58 -1.90
C SER B 565 12.58 -17.39 -0.46
N SER B 566 11.58 -16.54 -0.27
CA SER B 566 11.06 -16.29 1.08
C SER B 566 10.43 -17.54 1.67
N THR B 567 9.66 -18.29 0.87
CA THR B 567 8.99 -19.46 1.40
C THR B 567 9.97 -20.57 1.76
N MET B 568 11.03 -20.74 0.96
CA MET B 568 11.98 -21.81 1.16
C MET B 568 13.15 -21.42 2.05
N CYS B 569 13.22 -20.16 2.49
CA CYS B 569 14.25 -19.78 3.45
C CYS B 569 14.19 -20.64 4.71
N ILE B 570 12.98 -20.99 5.15
CA ILE B 570 12.81 -21.78 6.38
C ILE B 570 13.13 -23.25 6.12
N PRO B 571 12.47 -23.94 5.17
CA PRO B 571 12.76 -25.38 5.02
C PRO B 571 14.20 -25.69 4.66
N LEU B 572 14.86 -24.84 3.88
CA LEU B 572 16.26 -25.09 3.52
C LEU B 572 17.14 -25.07 4.76
N ALA B 573 16.93 -24.09 5.64
CA ALA B 573 17.70 -24.03 6.88
C ALA B 573 17.32 -25.16 7.81
N ALA B 574 16.06 -25.60 7.78
CA ALA B 574 15.66 -26.76 8.57
C ALA B 574 16.41 -28.01 8.13
N LEU B 575 16.51 -28.20 6.81
CA LEU B 575 17.28 -29.33 6.29
C LEU B 575 18.74 -29.21 6.65
N GLY B 576 19.30 -28.01 6.58
CA GLY B 576 20.68 -27.80 6.97
C GLY B 576 20.93 -28.14 8.43
N THR B 577 20.03 -27.70 9.31
CA THR B 577 20.16 -28.02 10.73
C THR B 577 20.01 -29.52 10.98
N PHE B 578 19.08 -30.17 10.27
CA PHE B 578 18.92 -31.61 10.42
C PHE B 578 20.18 -32.36 9.99
N VAL B 579 20.80 -31.92 8.89
CA VAL B 579 22.06 -32.52 8.46
C VAL B 579 23.15 -32.27 9.49
N GLN B 580 23.21 -31.06 10.05
CA GLN B 580 24.21 -30.77 11.07
C GLN B 580 24.03 -31.67 12.28
N ARG B 581 22.78 -31.91 12.68
CA ARG B 581 22.53 -32.86 13.76
C ARG B 581 22.94 -34.27 13.36
N ARG B 582 22.66 -34.67 12.13
CA ARG B 582 23.02 -36.00 11.64
C ARG B 582 24.42 -36.00 11.03
C1 NAG C . -4.12 20.85 -35.81
C2 NAG C . -5.46 20.16 -36.04
C3 NAG C . -5.26 18.96 -36.96
C4 NAG C . -4.59 19.38 -38.25
C5 NAG C . -3.29 20.13 -37.96
C6 NAG C . -2.63 20.68 -39.19
C7 NAG C . -7.37 19.66 -34.58
C8 NAG C . -7.79 19.22 -33.21
N2 NAG C . -6.05 19.74 -34.77
O3 NAG C . -6.54 18.37 -37.25
O4 NAG C . -4.30 18.23 -39.05
O5 NAG C . -3.56 21.23 -37.08
O6 NAG C . -2.50 19.69 -40.20
O7 NAG C . -8.17 19.94 -35.46
C1 NAG D . -26.02 0.42 -25.38
C2 NAG D . -24.96 -0.51 -25.98
C3 NAG D . -25.43 -1.07 -27.33
C4 NAG D . -26.80 -1.71 -27.20
C5 NAG D . -27.78 -0.73 -26.56
C6 NAG D . -29.14 -1.34 -26.30
C7 NAG D . -23.45 1.24 -26.86
C8 NAG D . -22.05 1.76 -26.85
N2 NAG D . -23.67 0.15 -26.12
O3 NAG D . -24.48 -2.03 -27.80
O4 NAG D . -27.28 -2.11 -28.47
O5 NAG D . -27.28 -0.28 -25.30
O6 NAG D . -29.14 -2.74 -26.55
O7 NAG D . -24.35 1.78 -27.52
#